data_2MI6
#
_entry.id   2MI6
#
_entity_poly.entity_id   1
_entity_poly.type   'polypeptide(L)'
_entity_poly.pdbx_seq_one_letter_code
;GRPVVEVDYEVGESVTVMDGPFATLPATISEVNAEQQKLKVLVSIFGRETPVELTFGQVSKI
;
_entity_poly.pdbx_strand_id   A
#
# COMPACT_ATOMS: atom_id res chain seq x y z
N GLY A 1 -2.24 -20.12 9.16
CA GLY A 1 -2.22 -18.72 9.67
C GLY A 1 -0.78 -18.32 10.03
N ARG A 2 -0.27 -17.28 9.42
CA ARG A 2 1.12 -16.85 9.72
C ARG A 2 1.11 -15.40 10.21
N PRO A 3 1.05 -15.20 11.54
CA PRO A 3 1.04 -13.87 12.14
C PRO A 3 2.38 -13.15 11.99
N VAL A 4 2.36 -11.85 11.83
CA VAL A 4 3.63 -11.10 11.68
C VAL A 4 3.89 -10.25 12.93
N VAL A 5 5.10 -10.20 13.40
CA VAL A 5 5.41 -9.39 14.60
C VAL A 5 5.03 -7.93 14.36
N GLU A 6 5.23 -7.45 13.16
CA GLU A 6 4.88 -6.04 12.85
C GLU A 6 3.64 -6.00 11.96
N VAL A 7 2.66 -5.21 12.33
CA VAL A 7 1.42 -5.13 11.51
C VAL A 7 1.05 -3.66 11.29
N ASP A 8 2.03 -2.80 11.20
CA ASP A 8 1.73 -1.36 10.98
C ASP A 8 2.35 -0.89 9.66
N TYR A 9 1.62 -0.13 8.89
CA TYR A 9 2.17 0.34 7.59
C TYR A 9 2.60 1.81 7.73
N GLU A 10 3.59 2.22 7.00
CA GLU A 10 4.06 3.62 7.08
C GLU A 10 4.27 4.19 5.68
N VAL A 11 4.56 5.46 5.57
CA VAL A 11 4.78 6.06 4.23
C VAL A 11 6.25 5.88 3.82
N GLY A 12 6.50 5.72 2.55
CA GLY A 12 7.91 5.54 2.09
C GLY A 12 8.21 4.05 1.94
N GLU A 13 7.37 3.21 2.47
CA GLU A 13 7.61 1.73 2.36
C GLU A 13 7.03 1.24 1.04
N SER A 14 7.59 0.18 0.50
CA SER A 14 7.07 -0.36 -0.79
C SER A 14 6.16 -1.56 -0.50
N VAL A 15 5.06 -1.66 -1.20
CA VAL A 15 4.14 -2.81 -0.98
C VAL A 15 3.58 -3.28 -2.32
N THR A 16 3.23 -4.54 -2.41
CA THR A 16 2.68 -5.05 -3.70
C THR A 16 1.15 -4.94 -3.68
N VAL A 17 0.58 -4.47 -4.75
CA VAL A 17 -0.91 -4.34 -4.80
C VAL A 17 -1.55 -5.72 -4.79
N MET A 18 -2.49 -5.95 -3.91
CA MET A 18 -3.15 -7.28 -3.85
C MET A 18 -4.62 -7.15 -4.26
N ASP A 19 -5.15 -5.96 -4.20
CA ASP A 19 -6.58 -5.77 -4.58
C ASP A 19 -6.71 -4.53 -5.48
N GLY A 20 -7.63 -4.56 -6.41
CA GLY A 20 -7.80 -3.38 -7.31
C GLY A 20 -7.34 -3.76 -8.73
N PRO A 21 -7.36 -2.78 -9.64
CA PRO A 21 -6.94 -2.99 -11.03
C PRO A 21 -5.43 -3.15 -11.16
N PHE A 22 -4.69 -2.68 -10.18
CA PHE A 22 -3.21 -2.80 -10.25
C PHE A 22 -2.75 -4.04 -9.47
N ALA A 23 -3.67 -4.87 -9.07
CA ALA A 23 -3.29 -6.10 -8.32
C ALA A 23 -2.09 -6.76 -8.97
N THR A 24 -1.10 -7.11 -8.19
CA THR A 24 0.11 -7.77 -8.76
C THR A 24 1.03 -6.70 -9.37
N LEU A 25 1.28 -5.64 -8.63
CA LEU A 25 2.16 -4.56 -9.16
C LEU A 25 2.85 -3.86 -7.99
N PRO A 26 4.10 -3.42 -8.20
CA PRO A 26 4.88 -2.73 -7.18
C PRO A 26 4.34 -1.33 -6.89
N ALA A 27 4.10 -1.02 -5.64
CA ALA A 27 3.56 0.33 -5.29
C ALA A 27 4.24 0.84 -4.02
N THR A 28 4.17 2.11 -3.77
CA THR A 28 4.81 2.67 -2.55
C THR A 28 3.74 3.35 -1.68
N ILE A 29 3.63 2.97 -0.44
CA ILE A 29 2.61 3.60 0.45
C ILE A 29 2.89 5.09 0.57
N SER A 30 1.98 5.91 0.11
CA SER A 30 2.19 7.39 0.20
C SER A 30 1.36 7.95 1.35
N GLU A 31 0.15 7.48 1.50
CA GLU A 31 -0.72 7.99 2.61
C GLU A 31 -1.42 6.81 3.28
N VAL A 32 -1.51 6.82 4.58
CA VAL A 32 -2.20 5.71 5.29
C VAL A 32 -3.26 6.28 6.23
N ASN A 33 -4.36 5.59 6.37
CA ASN A 33 -5.43 6.09 7.28
C ASN A 33 -5.79 5.01 8.31
N ALA A 34 -5.05 4.95 9.38
CA ALA A 34 -5.35 3.91 10.43
C ALA A 34 -6.69 4.21 11.07
N GLU A 35 -7.06 5.46 11.15
CA GLU A 35 -8.36 5.82 11.77
C GLU A 35 -9.50 5.11 11.04
N GLN A 36 -9.48 5.13 9.73
CA GLN A 36 -10.55 4.45 8.95
C GLN A 36 -10.04 3.10 8.45
N GLN A 37 -8.97 2.62 8.99
CA GLN A 37 -8.42 1.31 8.55
C GLN A 37 -8.23 1.33 7.03
N LYS A 38 -7.78 2.44 6.50
CA LYS A 38 -7.58 2.52 5.03
C LYS A 38 -6.12 2.86 4.73
N LEU A 39 -5.60 2.40 3.62
CA LEU A 39 -4.18 2.70 3.29
C LEU A 39 -4.10 3.26 1.86
N LYS A 40 -3.15 4.11 1.61
CA LYS A 40 -3.01 4.70 0.24
C LYS A 40 -1.62 4.38 -0.31
N VAL A 41 -1.53 4.01 -1.56
CA VAL A 41 -0.21 3.68 -2.15
C VAL A 41 -0.10 4.31 -3.55
N LEU A 42 0.96 5.01 -3.81
CA LEU A 42 1.12 5.66 -5.15
C LEU A 42 1.73 4.64 -6.13
N VAL A 43 1.27 4.65 -7.36
CA VAL A 43 1.82 3.69 -8.35
C VAL A 43 2.66 4.43 -9.38
N SER A 44 3.76 3.88 -9.79
CA SER A 44 4.62 4.56 -10.80
C SER A 44 4.44 3.90 -12.17
N ILE A 45 4.19 4.68 -13.18
CA ILE A 45 4.00 4.10 -14.54
C ILE A 45 4.66 5.02 -15.57
N PHE A 46 5.14 4.46 -16.65
CA PHE A 46 5.79 5.30 -17.69
C PHE A 46 4.99 6.59 -17.89
N GLY A 47 5.51 7.70 -17.43
CA GLY A 47 4.78 8.98 -17.60
C GLY A 47 3.30 8.77 -17.30
N ARG A 48 2.97 8.19 -16.18
CA ARG A 48 1.54 7.96 -15.84
C ARG A 48 1.40 7.70 -14.34
N GLU A 49 2.34 8.16 -13.56
CA GLU A 49 2.25 7.95 -12.09
C GLU A 49 0.85 8.30 -11.61
N THR A 50 0.15 7.35 -11.03
CA THR A 50 -1.23 7.64 -10.55
C THR A 50 -1.41 7.07 -9.14
N PRO A 51 -1.76 7.93 -8.18
CA PRO A 51 -1.97 7.52 -6.78
C PRO A 51 -3.24 6.66 -6.63
N VAL A 52 -3.18 5.61 -5.87
CA VAL A 52 -4.37 4.75 -5.68
C VAL A 52 -4.60 4.49 -4.19
N GLU A 53 -5.83 4.46 -3.76
CA GLU A 53 -6.10 4.21 -2.32
C GLU A 53 -6.52 2.74 -2.12
N LEU A 54 -6.19 2.17 -1.00
CA LEU A 54 -6.57 0.75 -0.75
C LEU A 54 -6.80 0.54 0.74
N THR A 55 -7.24 -0.63 1.12
CA THR A 55 -7.49 -0.90 2.58
C THR A 55 -6.37 -1.79 3.12
N PHE A 56 -6.18 -1.78 4.42
CA PHE A 56 -5.11 -2.63 5.01
C PHE A 56 -5.30 -4.08 4.55
N GLY A 57 -4.22 -4.75 4.24
CA GLY A 57 -4.34 -6.16 3.79
C GLY A 57 -4.35 -6.21 2.26
N GLN A 58 -4.75 -5.16 1.62
CA GLN A 58 -4.78 -5.13 0.13
C GLN A 58 -3.35 -4.99 -0.40
N VAL A 59 -2.38 -4.89 0.47
CA VAL A 59 -0.98 -4.75 0.01
C VAL A 59 -0.09 -5.73 0.78
N SER A 60 0.97 -6.19 0.18
CA SER A 60 1.87 -7.14 0.88
C SER A 60 3.26 -6.52 1.00
N LYS A 61 3.88 -6.65 2.15
CA LYS A 61 5.24 -6.06 2.33
C LYS A 61 6.27 -6.91 1.57
N ILE A 62 7.35 -6.31 1.16
CA ILE A 62 8.38 -7.08 0.41
C ILE A 62 9.58 -7.35 1.32
N GLY A 1 0.07 -18.13 10.50
CA GLY A 1 0.43 -16.99 11.38
C GLY A 1 1.91 -17.06 11.74
N ARG A 2 2.76 -17.13 10.75
CA ARG A 2 4.23 -17.21 11.03
C ARG A 2 4.59 -16.18 12.10
N PRO A 3 4.30 -14.90 11.82
CA PRO A 3 4.60 -13.81 12.75
C PRO A 3 3.67 -13.82 13.97
N VAL A 4 4.20 -13.62 15.14
CA VAL A 4 3.34 -13.62 16.36
C VAL A 4 3.32 -12.22 16.97
N VAL A 5 3.38 -11.20 16.16
CA VAL A 5 3.36 -9.81 16.69
C VAL A 5 2.50 -8.93 15.78
N GLU A 6 1.95 -7.87 16.31
CA GLU A 6 1.10 -6.98 15.48
C GLU A 6 1.95 -6.37 14.36
N VAL A 7 1.37 -6.14 13.22
CA VAL A 7 2.14 -5.56 12.09
C VAL A 7 1.43 -4.29 11.59
N ASP A 8 2.18 -3.27 11.26
CA ASP A 8 1.55 -2.02 10.77
C ASP A 8 2.29 -1.52 9.53
N TYR A 9 1.70 -0.64 8.77
CA TYR A 9 2.37 -0.13 7.55
C TYR A 9 2.86 1.30 7.81
N GLU A 10 3.80 1.77 7.03
CA GLU A 10 4.31 3.14 7.23
C GLU A 10 4.49 3.83 5.86
N VAL A 11 4.50 5.13 5.84
CA VAL A 11 4.66 5.86 4.55
C VAL A 11 6.12 5.78 4.11
N GLY A 12 6.36 5.69 2.83
CA GLY A 12 7.76 5.61 2.34
C GLY A 12 8.12 4.16 2.04
N GLU A 13 7.48 3.23 2.70
CA GLU A 13 7.79 1.79 2.45
C GLU A 13 7.14 1.35 1.14
N SER A 14 7.65 0.32 0.53
CA SER A 14 7.05 -0.15 -0.76
C SER A 14 6.21 -1.41 -0.50
N VAL A 15 5.12 -1.56 -1.20
CA VAL A 15 4.25 -2.74 -1.00
C VAL A 15 3.71 -3.22 -2.34
N THR A 16 3.31 -4.46 -2.43
CA THR A 16 2.78 -4.98 -3.72
C THR A 16 1.24 -4.93 -3.69
N VAL A 17 0.63 -4.50 -4.76
CA VAL A 17 -0.86 -4.44 -4.79
C VAL A 17 -1.43 -5.85 -4.70
N MET A 18 -2.31 -6.09 -3.76
CA MET A 18 -2.91 -7.45 -3.62
C MET A 18 -4.38 -7.40 -4.00
N ASP A 19 -4.98 -6.25 -3.98
CA ASP A 19 -6.42 -6.14 -4.35
C ASP A 19 -6.63 -4.93 -5.25
N GLY A 20 -7.57 -5.01 -6.16
CA GLY A 20 -7.83 -3.86 -7.06
C GLY A 20 -7.38 -4.21 -8.48
N PRO A 21 -7.45 -3.23 -9.40
CA PRO A 21 -7.04 -3.43 -10.80
C PRO A 21 -5.52 -3.51 -10.94
N PHE A 22 -4.80 -2.99 -9.98
CA PHE A 22 -3.31 -3.03 -10.07
C PHE A 22 -2.79 -4.25 -9.29
N ALA A 23 -3.67 -5.11 -8.86
CA ALA A 23 -3.22 -6.31 -8.10
C ALA A 23 -2.00 -6.93 -8.78
N THR A 24 -0.98 -7.22 -8.01
CA THR A 24 0.25 -7.83 -8.61
C THR A 24 1.09 -6.72 -9.24
N LEU A 25 1.30 -5.64 -8.55
CA LEU A 25 2.12 -4.53 -9.11
C LEU A 25 2.81 -3.78 -7.97
N PRO A 26 4.01 -3.27 -8.22
CA PRO A 26 4.79 -2.53 -7.22
C PRO A 26 4.18 -1.15 -6.94
N ALA A 27 4.05 -0.80 -5.68
CA ALA A 27 3.47 0.52 -5.34
C ALA A 27 4.15 1.07 -4.09
N THR A 28 4.05 2.35 -3.86
CA THR A 28 4.70 2.95 -2.66
C THR A 28 3.63 3.62 -1.79
N ILE A 29 3.59 3.30 -0.52
CA ILE A 29 2.58 3.92 0.38
C ILE A 29 2.84 5.43 0.46
N SER A 30 1.91 6.23 -0.01
CA SER A 30 2.10 7.69 0.05
C SER A 30 1.32 8.27 1.24
N GLU A 31 0.25 7.61 1.62
CA GLU A 31 -0.56 8.12 2.77
C GLU A 31 -1.34 6.95 3.39
N VAL A 32 -1.48 6.94 4.68
CA VAL A 32 -2.23 5.83 5.34
C VAL A 32 -3.29 6.41 6.27
N ASN A 33 -4.42 5.77 6.38
CA ASN A 33 -5.50 6.29 7.27
C ASN A 33 -5.84 5.24 8.33
N ALA A 34 -5.09 5.20 9.39
CA ALA A 34 -5.37 4.19 10.46
C ALA A 34 -6.73 4.50 11.11
N GLU A 35 -7.16 5.73 11.04
CA GLU A 35 -8.47 6.09 11.65
C GLU A 35 -9.59 5.31 10.97
N GLN A 36 -9.58 5.28 9.65
CA GLN A 36 -10.65 4.55 8.92
C GLN A 36 -10.10 3.20 8.44
N GLN A 37 -9.02 2.75 9.02
CA GLN A 37 -8.44 1.45 8.58
C GLN A 37 -8.24 1.46 7.07
N LYS A 38 -7.76 2.54 6.53
CA LYS A 38 -7.54 2.60 5.05
C LYS A 38 -6.09 3.01 4.76
N LEU A 39 -5.57 2.59 3.65
CA LEU A 39 -4.16 2.95 3.30
C LEU A 39 -4.12 3.51 1.89
N LYS A 40 -3.19 4.40 1.62
CA LYS A 40 -3.09 4.99 0.26
C LYS A 40 -1.71 4.69 -0.33
N VAL A 41 -1.67 4.31 -1.59
CA VAL A 41 -0.36 4.01 -2.22
C VAL A 41 -0.30 4.65 -3.61
N LEU A 42 0.83 5.15 -4.00
CA LEU A 42 0.94 5.80 -5.35
C LEU A 42 1.62 4.82 -6.32
N VAL A 43 1.15 4.79 -7.54
CA VAL A 43 1.77 3.87 -8.53
C VAL A 43 2.53 4.68 -9.59
N SER A 44 3.67 4.19 -10.00
CA SER A 44 4.46 4.94 -11.02
C SER A 44 4.35 4.24 -12.38
N ILE A 45 3.84 4.91 -13.37
CA ILE A 45 3.69 4.28 -14.71
C ILE A 45 4.59 5.02 -15.71
N PHE A 46 5.09 4.32 -16.70
CA PHE A 46 5.97 4.97 -17.71
C PHE A 46 5.44 6.37 -18.02
N GLY A 47 6.11 7.39 -17.56
CA GLY A 47 5.64 8.78 -17.84
C GLY A 47 4.18 8.92 -17.42
N ARG A 48 3.82 8.35 -16.29
CA ARG A 48 2.40 8.45 -15.84
C ARG A 48 2.31 8.03 -14.37
N GLU A 49 1.93 8.93 -13.50
CA GLU A 49 1.82 8.56 -12.06
C GLU A 49 0.34 8.64 -11.63
N THR A 50 -0.19 7.56 -11.12
CA THR A 50 -1.62 7.57 -10.70
C THR A 50 -1.73 7.02 -9.27
N PRO A 51 -2.11 7.89 -8.32
CA PRO A 51 -2.26 7.51 -6.91
C PRO A 51 -3.49 6.62 -6.70
N VAL A 52 -3.40 5.64 -5.83
CA VAL A 52 -4.56 4.75 -5.59
C VAL A 52 -4.73 4.52 -4.09
N GLU A 53 -5.94 4.48 -3.61
CA GLU A 53 -6.16 4.27 -2.16
C GLU A 53 -6.62 2.82 -1.93
N LEU A 54 -5.95 2.11 -1.06
CA LEU A 54 -6.34 0.70 -0.79
C LEU A 54 -6.60 0.52 0.71
N THR A 55 -7.07 -0.64 1.11
CA THR A 55 -7.33 -0.87 2.55
C THR A 55 -6.25 -1.80 3.12
N PHE A 56 -6.08 -1.80 4.42
CA PHE A 56 -5.05 -2.68 5.03
C PHE A 56 -5.30 -4.12 4.60
N GLY A 57 -4.27 -4.82 4.20
CA GLY A 57 -4.45 -6.24 3.77
C GLY A 57 -4.46 -6.30 2.24
N GLN A 58 -4.77 -5.21 1.60
CA GLN A 58 -4.81 -5.20 0.11
C GLN A 58 -3.38 -5.08 -0.43
N VAL A 59 -2.41 -5.00 0.44
CA VAL A 59 -1.00 -4.87 -0.03
C VAL A 59 -0.13 -5.89 0.72
N SER A 60 0.90 -6.38 0.08
CA SER A 60 1.79 -7.37 0.75
C SER A 60 3.20 -6.81 0.85
N LYS A 61 3.86 -7.03 1.95
CA LYS A 61 5.24 -6.51 2.11
C LYS A 61 6.22 -7.40 1.32
N ILE A 62 7.24 -6.82 0.75
CA ILE A 62 8.21 -7.63 -0.02
C ILE A 62 9.36 -8.06 0.89
N GLY A 1 17.75 -9.43 4.47
CA GLY A 1 16.31 -9.10 4.29
C GLY A 1 15.74 -8.57 5.61
N ARG A 2 14.68 -7.81 5.55
CA ARG A 2 14.08 -7.27 6.81
C ARG A 2 12.60 -7.65 6.87
N PRO A 3 12.32 -8.89 7.30
CA PRO A 3 10.94 -9.39 7.42
C PRO A 3 10.17 -8.72 8.55
N VAL A 4 8.95 -8.34 8.32
CA VAL A 4 8.16 -7.67 9.40
C VAL A 4 6.76 -8.26 9.44
N VAL A 5 6.19 -8.41 10.61
CA VAL A 5 4.82 -8.98 10.71
C VAL A 5 3.87 -7.93 11.28
N GLU A 6 4.30 -6.69 11.36
CA GLU A 6 3.42 -5.63 11.90
C GLU A 6 2.22 -5.43 10.97
N VAL A 7 1.04 -5.28 11.53
CA VAL A 7 -0.16 -5.09 10.67
C VAL A 7 -0.26 -3.62 10.25
N ASP A 8 0.73 -2.83 10.59
CA ASP A 8 0.68 -1.39 10.20
C ASP A 8 1.82 -1.09 9.23
N TYR A 9 1.54 -0.40 8.16
CA TYR A 9 2.61 -0.08 7.17
C TYR A 9 3.15 1.33 7.45
N GLU A 10 4.23 1.69 6.81
CA GLU A 10 4.79 3.05 7.03
C GLU A 10 4.89 3.79 5.69
N VAL A 11 4.82 5.09 5.71
CA VAL A 11 4.90 5.87 4.45
C VAL A 11 6.34 5.82 3.92
N GLY A 12 6.50 5.84 2.62
CA GLY A 12 7.88 5.78 2.04
C GLY A 12 8.23 4.34 1.70
N GLU A 13 7.65 3.40 2.38
CA GLU A 13 7.97 1.97 2.09
C GLU A 13 7.24 1.55 0.81
N SER A 14 7.66 0.46 0.21
CA SER A 14 6.99 0.00 -1.04
C SER A 14 6.16 -1.25 -0.75
N VAL A 15 5.03 -1.38 -1.39
CA VAL A 15 4.18 -2.58 -1.15
C VAL A 15 3.59 -3.06 -2.48
N THR A 16 3.19 -4.30 -2.55
CA THR A 16 2.62 -4.84 -3.81
C THR A 16 1.08 -4.76 -3.74
N VAL A 17 0.46 -4.31 -4.80
CA VAL A 17 -1.03 -4.21 -4.79
C VAL A 17 -1.63 -5.62 -4.76
N MET A 18 -2.50 -5.90 -3.83
CA MET A 18 -3.11 -7.25 -3.74
C MET A 18 -4.56 -7.19 -4.22
N ASP A 19 -5.15 -6.02 -4.23
CA ASP A 19 -6.56 -5.91 -4.68
C ASP A 19 -6.70 -4.71 -5.62
N GLY A 20 -7.53 -4.82 -6.62
CA GLY A 20 -7.72 -3.69 -7.56
C GLY A 20 -7.18 -4.08 -8.94
N PRO A 21 -7.23 -3.14 -9.90
CA PRO A 21 -6.75 -3.38 -11.27
C PRO A 21 -5.23 -3.41 -11.34
N PHE A 22 -4.57 -2.87 -10.35
CA PHE A 22 -3.08 -2.85 -10.37
C PHE A 22 -2.55 -4.09 -9.63
N ALA A 23 -3.42 -5.00 -9.28
CA ALA A 23 -2.96 -6.22 -8.55
C ALA A 23 -1.68 -6.76 -9.20
N THR A 24 -0.70 -7.06 -8.40
CA THR A 24 0.59 -7.58 -8.96
C THR A 24 1.43 -6.41 -9.47
N LEU A 25 1.52 -5.36 -8.69
CA LEU A 25 2.33 -4.18 -9.13
C LEU A 25 2.90 -3.48 -7.89
N PRO A 26 4.16 -3.04 -7.97
CA PRO A 26 4.82 -2.34 -6.86
C PRO A 26 4.25 -0.94 -6.64
N ALA A 27 3.95 -0.60 -5.42
CA ALA A 27 3.38 0.75 -5.13
C ALA A 27 4.06 1.34 -3.89
N THR A 28 3.97 2.62 -3.71
CA THR A 28 4.61 3.25 -2.52
C THR A 28 3.53 3.89 -1.64
N ILE A 29 3.52 3.55 -0.37
CA ILE A 29 2.50 4.15 0.54
C ILE A 29 2.76 5.65 0.70
N SER A 30 1.85 6.47 0.25
CA SER A 30 2.06 7.94 0.38
C SER A 30 1.26 8.46 1.58
N GLU A 31 0.24 7.75 1.98
CA GLU A 31 -0.57 8.20 3.14
C GLU A 31 -1.34 7.01 3.72
N VAL A 32 -1.46 6.95 5.02
CA VAL A 32 -2.20 5.81 5.65
C VAL A 32 -3.22 6.36 6.65
N ASN A 33 -4.35 5.71 6.75
CA ASN A 33 -5.40 6.19 7.71
C ASN A 33 -5.83 5.04 8.61
N ALA A 34 -5.13 4.82 9.68
CA ALA A 34 -5.51 3.71 10.60
C ALA A 34 -6.85 4.01 11.25
N GLU A 35 -7.22 5.27 11.31
CA GLU A 35 -8.52 5.64 11.93
C GLU A 35 -9.65 4.88 11.23
N GLN A 36 -9.65 4.87 9.93
CA GLN A 36 -10.73 4.15 9.19
C GLN A 36 -10.15 2.86 8.58
N GLN A 37 -9.03 2.41 9.06
CA GLN A 37 -8.43 1.17 8.51
C GLN A 37 -8.24 1.31 7.00
N LYS A 38 -7.77 2.45 6.56
CA LYS A 38 -7.56 2.65 5.10
C LYS A 38 -6.11 3.06 4.84
N LEU A 39 -5.58 2.69 3.70
CA LEU A 39 -4.16 3.05 3.39
C LEU A 39 -4.09 3.65 1.99
N LYS A 40 -3.14 4.52 1.77
CA LYS A 40 -3.00 5.16 0.42
C LYS A 40 -1.64 4.80 -0.17
N VAL A 41 -1.61 4.43 -1.42
CA VAL A 41 -0.31 4.06 -2.05
C VAL A 41 -0.20 4.74 -3.43
N LEU A 42 1.00 4.95 -3.89
CA LEU A 42 1.17 5.60 -5.22
C LEU A 42 1.61 4.54 -6.24
N VAL A 43 1.06 4.57 -7.42
CA VAL A 43 1.46 3.57 -8.45
C VAL A 43 2.35 4.24 -9.50
N SER A 44 3.36 3.56 -9.95
CA SER A 44 4.27 4.16 -10.96
C SER A 44 4.05 3.49 -12.32
N ILE A 45 3.50 4.21 -13.26
CA ILE A 45 3.26 3.61 -14.60
C ILE A 45 4.24 4.21 -15.61
N PHE A 46 4.63 3.46 -16.61
CA PHE A 46 5.58 3.99 -17.62
C PHE A 46 5.21 5.44 -17.96
N GLY A 47 5.99 6.37 -17.52
CA GLY A 47 5.69 7.81 -17.82
C GLY A 47 4.28 8.14 -17.33
N ARG A 48 3.91 7.66 -16.18
CA ARG A 48 2.54 7.94 -15.64
C ARG A 48 2.47 7.56 -14.17
N GLU A 49 2.17 8.51 -13.32
CA GLU A 49 2.08 8.20 -11.86
C GLU A 49 0.67 8.51 -11.36
N THR A 50 -0.01 7.54 -10.83
CA THR A 50 -1.40 7.80 -10.32
C THR A 50 -1.56 7.16 -8.94
N PRO A 51 -1.93 7.98 -7.94
CA PRO A 51 -2.14 7.52 -6.56
C PRO A 51 -3.39 6.65 -6.43
N VAL A 52 -3.30 5.59 -5.68
CA VAL A 52 -4.49 4.69 -5.53
C VAL A 52 -4.79 4.51 -4.03
N GLU A 53 -6.05 4.51 -3.68
CA GLU A 53 -6.40 4.33 -2.24
C GLU A 53 -6.75 2.87 -1.98
N LEU A 54 -6.16 2.28 -0.98
CA LEU A 54 -6.45 0.85 -0.67
C LEU A 54 -6.62 0.67 0.84
N THR A 55 -7.01 -0.50 1.27
CA THR A 55 -7.19 -0.73 2.73
C THR A 55 -6.10 -1.68 3.23
N PHE A 56 -5.93 -1.77 4.52
CA PHE A 56 -4.88 -2.69 5.06
C PHE A 56 -5.15 -4.11 4.58
N GLY A 57 -4.12 -4.86 4.29
CA GLY A 57 -4.32 -6.25 3.81
C GLY A 57 -4.40 -6.27 2.29
N GLN A 58 -4.78 -5.17 1.69
CA GLN A 58 -4.88 -5.12 0.20
C GLN A 58 -3.47 -4.97 -0.39
N VAL A 59 -2.47 -4.90 0.44
CA VAL A 59 -1.08 -4.75 -0.08
C VAL A 59 -0.17 -5.78 0.61
N SER A 60 0.81 -6.27 -0.10
CA SER A 60 1.73 -7.27 0.51
C SER A 60 3.11 -6.65 0.69
N LYS A 61 3.72 -6.85 1.83
CA LYS A 61 5.08 -6.27 2.06
C LYS A 61 6.11 -7.02 1.21
N ILE A 62 7.15 -6.35 0.78
CA ILE A 62 8.18 -7.02 -0.05
C ILE A 62 9.44 -7.24 0.79
N GLY A 1 12.40 -16.41 24.48
CA GLY A 1 12.51 -15.11 23.76
C GLY A 1 11.41 -15.03 22.69
N ARG A 2 11.78 -14.83 21.45
CA ARG A 2 10.76 -14.74 20.37
C ARG A 2 9.71 -13.68 20.76
N PRO A 3 10.12 -12.41 20.78
CA PRO A 3 9.21 -11.30 21.12
C PRO A 3 8.16 -11.06 20.04
N VAL A 4 7.01 -10.58 20.41
CA VAL A 4 5.94 -10.32 19.41
C VAL A 4 5.73 -8.82 19.25
N VAL A 5 5.61 -8.35 18.04
CA VAL A 5 5.41 -6.88 17.82
C VAL A 5 4.23 -6.67 16.87
N GLU A 6 3.70 -5.48 16.84
CA GLU A 6 2.55 -5.20 15.93
C GLU A 6 3.07 -4.81 14.55
N VAL A 7 2.35 -5.13 13.51
CA VAL A 7 2.80 -4.77 12.14
C VAL A 7 1.98 -3.60 11.62
N ASP A 8 2.63 -2.54 11.22
CA ASP A 8 1.89 -1.36 10.71
C ASP A 8 2.55 -0.86 9.42
N TYR A 9 1.84 -0.11 8.63
CA TYR A 9 2.42 0.41 7.36
C TYR A 9 2.83 1.87 7.54
N GLU A 10 3.84 2.31 6.86
CA GLU A 10 4.29 3.72 7.00
C GLU A 10 4.47 4.34 5.61
N VAL A 11 4.67 5.62 5.54
CA VAL A 11 4.86 6.29 4.22
C VAL A 11 6.31 6.09 3.76
N GLY A 12 6.51 5.93 2.48
CA GLY A 12 7.90 5.74 1.96
C GLY A 12 8.17 4.24 1.78
N GLU A 13 7.30 3.41 2.25
CA GLU A 13 7.51 1.94 2.10
C GLU A 13 6.85 1.46 0.81
N SER A 14 7.35 0.40 0.24
CA SER A 14 6.76 -0.12 -1.03
C SER A 14 5.97 -1.40 -0.74
N VAL A 15 4.87 -1.58 -1.41
CA VAL A 15 4.05 -2.82 -1.18
C VAL A 15 3.56 -3.36 -2.52
N THR A 16 3.17 -4.61 -2.55
CA THR A 16 2.68 -5.20 -3.83
C THR A 16 1.15 -5.19 -3.84
N VAL A 17 0.56 -4.75 -4.92
CA VAL A 17 -0.93 -4.72 -5.00
C VAL A 17 -1.47 -6.15 -5.00
N MET A 18 -2.37 -6.45 -4.10
CA MET A 18 -2.94 -7.83 -4.05
C MET A 18 -4.40 -7.81 -4.51
N ASP A 19 -5.03 -6.66 -4.48
CA ASP A 19 -6.45 -6.57 -4.91
C ASP A 19 -6.62 -5.39 -5.86
N GLY A 20 -7.40 -5.57 -6.91
CA GLY A 20 -7.62 -4.47 -7.88
C GLY A 20 -7.03 -4.85 -9.23
N PRO A 21 -7.08 -3.93 -10.19
CA PRO A 21 -6.55 -4.16 -11.55
C PRO A 21 -5.03 -4.14 -11.57
N PHE A 22 -4.42 -3.45 -10.65
CA PHE A 22 -2.94 -3.40 -10.61
C PHE A 22 -2.38 -4.58 -9.84
N ALA A 23 -3.22 -5.53 -9.51
CA ALA A 23 -2.74 -6.72 -8.75
C ALA A 23 -1.42 -7.21 -9.34
N THR A 24 -0.46 -7.49 -8.50
CA THR A 24 0.85 -7.97 -9.01
C THR A 24 1.68 -6.78 -9.49
N LEU A 25 1.73 -5.72 -8.73
CA LEU A 25 2.51 -4.53 -9.14
C LEU A 25 3.04 -3.80 -7.90
N PRO A 26 4.28 -3.32 -7.95
CA PRO A 26 4.92 -2.61 -6.84
C PRO A 26 4.28 -1.23 -6.62
N ALA A 27 4.14 -0.82 -5.39
CA ALA A 27 3.53 0.51 -5.11
C ALA A 27 4.20 1.13 -3.88
N THR A 28 4.09 2.42 -3.72
CA THR A 28 4.72 3.08 -2.53
C THR A 28 3.64 3.73 -1.67
N ILE A 29 3.60 3.41 -0.41
CA ILE A 29 2.57 4.01 0.47
C ILE A 29 2.82 5.51 0.59
N SER A 30 1.90 6.32 0.13
CA SER A 30 2.10 7.79 0.22
C SER A 30 1.29 8.34 1.40
N GLU A 31 0.21 7.69 1.75
CA GLU A 31 -0.61 8.19 2.89
C GLU A 31 -1.31 7.00 3.56
N VAL A 32 -1.42 7.03 4.87
CA VAL A 32 -2.09 5.92 5.59
C VAL A 32 -3.13 6.49 6.57
N ASN A 33 -4.31 5.94 6.58
CA ASN A 33 -5.36 6.46 7.49
C ASN A 33 -5.73 5.37 8.50
N ALA A 34 -5.00 5.26 9.58
CA ALA A 34 -5.31 4.22 10.60
C ALA A 34 -6.66 4.54 11.25
N GLU A 35 -6.96 5.79 11.43
CA GLU A 35 -8.26 6.17 12.06
C GLU A 35 -9.40 5.39 11.38
N GLN A 36 -9.40 5.36 10.08
CA GLN A 36 -10.48 4.61 9.37
C GLN A 36 -9.91 3.33 8.76
N GLN A 37 -8.74 2.93 9.19
CA GLN A 37 -8.13 1.69 8.63
C GLN A 37 -8.04 1.79 7.12
N LYS A 38 -7.70 2.95 6.61
CA LYS A 38 -7.60 3.12 5.13
C LYS A 38 -6.17 3.49 4.76
N LEU A 39 -5.51 2.67 3.98
CA LEU A 39 -4.11 2.98 3.59
C LEU A 39 -4.08 3.51 2.14
N LYS A 40 -3.14 4.35 1.83
CA LYS A 40 -3.06 4.91 0.45
C LYS A 40 -1.69 4.59 -0.16
N VAL A 41 -1.66 4.24 -1.41
CA VAL A 41 -0.35 3.93 -2.06
C VAL A 41 -0.30 4.59 -3.44
N LEU A 42 0.87 5.04 -3.84
CA LEU A 42 0.98 5.70 -5.17
C LEU A 42 1.65 4.74 -6.15
N VAL A 43 1.20 4.71 -7.38
CA VAL A 43 1.81 3.80 -8.39
C VAL A 43 2.55 4.63 -9.44
N SER A 44 3.68 4.15 -9.89
CA SER A 44 4.44 4.91 -10.92
C SER A 44 4.25 4.25 -12.29
N ILE A 45 3.81 5.00 -13.27
CA ILE A 45 3.61 4.42 -14.62
C ILE A 45 4.52 5.12 -15.62
N PHE A 46 4.95 4.43 -16.65
CA PHE A 46 5.84 5.06 -17.66
C PHE A 46 5.36 6.49 -17.95
N GLY A 47 6.09 7.47 -17.49
CA GLY A 47 5.68 8.88 -17.75
C GLY A 47 4.23 9.08 -17.29
N ARG A 48 3.93 8.72 -16.07
CA ARG A 48 2.53 8.89 -15.57
C ARG A 48 2.43 8.32 -14.15
N GLU A 49 1.96 9.10 -13.21
CA GLU A 49 1.83 8.60 -11.82
C GLU A 49 0.37 8.66 -11.40
N THR A 50 -0.17 7.57 -10.90
CA THR A 50 -1.60 7.56 -10.47
C THR A 50 -1.71 6.99 -9.06
N PRO A 51 -2.10 7.84 -8.10
CA PRO A 51 -2.26 7.42 -6.69
C PRO A 51 -3.50 6.54 -6.51
N VAL A 52 -3.43 5.59 -5.62
CA VAL A 52 -4.61 4.70 -5.40
C VAL A 52 -4.82 4.50 -3.89
N GLU A 53 -6.05 4.48 -3.46
CA GLU A 53 -6.32 4.29 -2.00
C GLU A 53 -6.74 2.84 -1.75
N LEU A 54 -6.23 2.25 -0.71
CA LEU A 54 -6.60 0.83 -0.41
C LEU A 54 -6.77 0.66 1.10
N THR A 55 -7.19 -0.50 1.53
CA THR A 55 -7.37 -0.73 3.00
C THR A 55 -6.29 -1.67 3.50
N PHE A 56 -6.13 -1.78 4.80
CA PHE A 56 -5.08 -2.68 5.35
C PHE A 56 -5.39 -4.12 4.95
N GLY A 57 -4.42 -4.82 4.43
CA GLY A 57 -4.65 -6.23 4.02
C GLY A 57 -4.77 -6.29 2.50
N GLN A 58 -5.17 -5.21 1.88
CA GLN A 58 -5.32 -5.20 0.39
C GLN A 58 -3.93 -5.14 -0.25
N VAL A 59 -2.90 -5.08 0.55
CA VAL A 59 -1.52 -5.01 -0.01
C VAL A 59 -0.62 -6.04 0.68
N SER A 60 0.37 -6.53 -0.01
CA SER A 60 1.28 -7.54 0.62
C SER A 60 2.70 -6.98 0.67
N LYS A 61 3.39 -7.16 1.77
CA LYS A 61 4.77 -6.64 1.87
C LYS A 61 5.74 -7.61 1.18
N ILE A 62 6.77 -7.09 0.57
CA ILE A 62 7.74 -7.98 -0.13
C ILE A 62 8.08 -9.17 0.76
N GLY A 1 18.56 -11.21 15.36
CA GLY A 1 17.16 -11.20 14.86
C GLY A 1 16.70 -9.75 14.65
N ARG A 2 15.62 -9.57 13.95
CA ARG A 2 15.13 -8.19 13.70
C ARG A 2 13.71 -8.05 14.26
N PRO A 3 13.26 -6.81 14.49
CA PRO A 3 11.92 -6.52 15.03
C PRO A 3 10.83 -6.82 14.00
N VAL A 4 9.70 -7.29 14.45
CA VAL A 4 8.59 -7.60 13.50
C VAL A 4 7.30 -6.92 13.97
N VAL A 5 6.35 -6.77 13.10
CA VAL A 5 5.07 -6.11 13.49
C VAL A 5 3.89 -6.98 13.05
N GLU A 6 2.85 -7.02 13.84
CA GLU A 6 1.67 -7.85 13.46
C GLU A 6 1.16 -7.41 12.08
N VAL A 7 1.03 -6.13 11.87
CA VAL A 7 0.54 -5.64 10.55
C VAL A 7 0.45 -4.12 10.57
N ASP A 8 1.57 -3.45 10.56
CA ASP A 8 1.54 -1.95 10.58
C ASP A 8 2.10 -1.41 9.27
N TYR A 9 1.46 -0.44 8.69
CA TYR A 9 1.95 0.13 7.41
C TYR A 9 2.50 1.54 7.65
N GLU A 10 3.53 1.91 6.95
CA GLU A 10 4.11 3.27 7.14
C GLU A 10 4.27 3.95 5.77
N VAL A 11 4.43 5.25 5.76
CA VAL A 11 4.58 5.97 4.47
C VAL A 11 6.03 5.85 4.00
N GLY A 12 6.24 5.80 2.71
CA GLY A 12 7.62 5.68 2.18
C GLY A 12 7.97 4.21 1.94
N GLU A 13 7.21 3.31 2.53
CA GLU A 13 7.50 1.86 2.33
C GLU A 13 6.87 1.40 1.01
N SER A 14 7.42 0.37 0.42
CA SER A 14 6.87 -0.13 -0.86
C SER A 14 6.06 -1.40 -0.62
N VAL A 15 4.96 -1.56 -1.30
CA VAL A 15 4.13 -2.78 -1.10
C VAL A 15 3.62 -3.28 -2.46
N THR A 16 3.17 -4.51 -2.51
CA THR A 16 2.66 -5.05 -3.80
C THR A 16 1.13 -5.02 -3.80
N VAL A 17 0.54 -4.59 -4.88
CA VAL A 17 -0.95 -4.54 -4.94
C VAL A 17 -1.51 -5.97 -4.98
N MET A 18 -2.40 -6.29 -4.09
CA MET A 18 -2.98 -7.67 -4.09
C MET A 18 -4.44 -7.62 -4.56
N ASP A 19 -5.02 -6.45 -4.58
CA ASP A 19 -6.44 -6.35 -5.03
C ASP A 19 -6.62 -5.10 -5.89
N GLY A 20 -7.56 -5.11 -6.80
CA GLY A 20 -7.78 -3.92 -7.67
C GLY A 20 -7.22 -4.19 -9.07
N PRO A 21 -7.27 -3.18 -9.95
CA PRO A 21 -6.78 -3.30 -11.31
C PRO A 21 -5.25 -3.31 -11.37
N PHE A 22 -4.60 -2.84 -10.33
CA PHE A 22 -3.11 -2.83 -10.32
C PHE A 22 -2.59 -4.05 -9.57
N ALA A 23 -3.46 -4.95 -9.20
CA ALA A 23 -3.01 -6.16 -8.46
C ALA A 23 -1.74 -6.71 -9.10
N THR A 24 -0.76 -7.03 -8.31
CA THR A 24 0.51 -7.57 -8.86
C THR A 24 1.36 -6.41 -9.39
N LEU A 25 1.48 -5.36 -8.63
CA LEU A 25 2.29 -4.20 -9.09
C LEU A 25 2.88 -3.47 -7.88
N PRO A 26 4.16 -3.06 -7.98
CA PRO A 26 4.84 -2.35 -6.90
C PRO A 26 4.30 -0.94 -6.69
N ALA A 27 3.96 -0.59 -5.48
CA ALA A 27 3.42 0.77 -5.22
C ALA A 27 4.06 1.34 -3.96
N THR A 28 3.94 2.63 -3.74
CA THR A 28 4.55 3.24 -2.53
C THR A 28 3.45 3.85 -1.66
N ILE A 29 3.42 3.53 -0.39
CA ILE A 29 2.38 4.09 0.50
C ILE A 29 2.65 5.58 0.71
N SER A 30 1.75 6.42 0.28
CA SER A 30 1.94 7.89 0.46
C SER A 30 1.11 8.38 1.64
N GLU A 31 -0.09 7.89 1.77
CA GLU A 31 -0.96 8.33 2.91
C GLU A 31 -1.61 7.11 3.55
N VAL A 32 -1.59 7.03 4.85
CA VAL A 32 -2.21 5.87 5.54
C VAL A 32 -3.18 6.35 6.62
N ASN A 33 -4.36 5.81 6.67
CA ASN A 33 -5.35 6.26 7.70
C ASN A 33 -5.58 5.11 8.70
N ALA A 34 -4.80 5.05 9.73
CA ALA A 34 -4.98 3.96 10.74
C ALA A 34 -6.32 4.16 11.46
N GLU A 35 -6.76 5.38 11.61
CA GLU A 35 -8.04 5.63 12.31
C GLU A 35 -9.18 4.95 11.54
N GLN A 36 -9.16 5.04 10.24
CA GLN A 36 -10.24 4.39 9.44
C GLN A 36 -9.72 3.09 8.83
N GLN A 37 -8.60 2.62 9.30
CA GLN A 37 -8.04 1.35 8.75
C GLN A 37 -7.93 1.45 7.23
N LYS A 38 -7.52 2.59 6.73
CA LYS A 38 -7.39 2.76 5.26
C LYS A 38 -5.94 3.11 4.91
N LEU A 39 -5.48 2.70 3.76
CA LEU A 39 -4.08 2.99 3.38
C LEU A 39 -4.05 3.56 1.96
N LYS A 40 -3.08 4.39 1.66
CA LYS A 40 -2.99 4.98 0.30
C LYS A 40 -1.62 4.66 -0.30
N VAL A 41 -1.57 4.33 -1.56
CA VAL A 41 -0.26 4.01 -2.19
C VAL A 41 -0.17 4.69 -3.56
N LEU A 42 1.04 4.93 -4.02
CA LEU A 42 1.21 5.58 -5.35
C LEU A 42 1.67 4.55 -6.37
N VAL A 43 1.11 4.57 -7.55
CA VAL A 43 1.53 3.58 -8.59
C VAL A 43 2.41 4.28 -9.63
N SER A 44 3.45 3.63 -10.08
CA SER A 44 4.34 4.25 -11.09
C SER A 44 4.10 3.60 -12.45
N ILE A 45 3.65 4.37 -13.40
CA ILE A 45 3.39 3.81 -14.76
C ILE A 45 4.33 4.46 -15.77
N PHE A 46 4.71 3.76 -16.80
CA PHE A 46 5.63 4.35 -17.82
C PHE A 46 5.27 5.82 -18.05
N GLY A 47 6.08 6.72 -17.56
CA GLY A 47 5.80 8.16 -17.75
C GLY A 47 4.36 8.46 -17.29
N ARG A 48 3.92 7.82 -16.24
CA ARG A 48 2.54 8.06 -15.75
C ARG A 48 2.42 7.64 -14.28
N GLU A 49 2.17 8.56 -13.40
CA GLU A 49 2.05 8.22 -11.97
C GLU A 49 0.61 8.47 -11.50
N THR A 50 -0.05 7.46 -11.01
CA THR A 50 -1.46 7.66 -10.54
C THR A 50 -1.61 7.11 -9.12
N PRO A 51 -1.93 7.98 -8.16
CA PRO A 51 -2.12 7.58 -6.76
C PRO A 51 -3.41 6.78 -6.56
N VAL A 52 -3.34 5.71 -5.82
CA VAL A 52 -4.56 4.89 -5.58
C VAL A 52 -4.71 4.60 -4.10
N GLU A 53 -5.92 4.58 -3.60
CA GLU A 53 -6.14 4.30 -2.16
C GLU A 53 -6.60 2.86 -1.98
N LEU A 54 -6.15 2.20 -0.95
CA LEU A 54 -6.57 0.79 -0.73
C LEU A 54 -6.84 0.57 0.76
N THR A 55 -7.34 -0.59 1.12
CA THR A 55 -7.62 -0.87 2.56
C THR A 55 -6.53 -1.77 3.13
N PHE A 56 -6.30 -1.71 4.41
CA PHE A 56 -5.25 -2.57 5.03
C PHE A 56 -5.40 -4.00 4.52
N GLY A 57 -4.32 -4.64 4.17
CA GLY A 57 -4.41 -6.05 3.68
C GLY A 57 -4.46 -6.04 2.14
N GLN A 58 -4.80 -4.92 1.55
CA GLN A 58 -4.86 -4.85 0.07
C GLN A 58 -3.44 -4.79 -0.50
N VAL A 59 -2.45 -4.79 0.35
CA VAL A 59 -1.04 -4.74 -0.15
C VAL A 59 -0.19 -5.75 0.62
N SER A 60 0.92 -6.15 0.05
CA SER A 60 1.79 -7.14 0.75
C SER A 60 3.19 -6.56 0.91
N LYS A 61 3.82 -6.79 2.03
CA LYS A 61 5.19 -6.26 2.25
C LYS A 61 6.22 -7.19 1.60
N ILE A 62 7.32 -6.66 1.14
CA ILE A 62 8.35 -7.52 0.50
C ILE A 62 9.71 -7.21 1.12
N GLY A 1 -0.78 -12.37 29.78
CA GLY A 1 0.39 -12.12 28.89
C GLY A 1 0.04 -12.55 27.47
N ARG A 2 0.97 -13.15 26.77
CA ARG A 2 0.68 -13.59 25.38
C ARG A 2 0.16 -12.40 24.57
N PRO A 3 1.03 -11.40 24.34
CA PRO A 3 0.67 -10.19 23.58
C PRO A 3 0.46 -10.50 22.09
N VAL A 4 -0.40 -9.77 21.43
CA VAL A 4 -0.64 -10.02 19.98
C VAL A 4 -0.04 -8.88 19.17
N VAL A 5 0.65 -9.19 18.10
CA VAL A 5 1.26 -8.12 17.27
C VAL A 5 0.66 -8.17 15.86
N GLU A 6 0.32 -7.04 15.31
CA GLU A 6 -0.28 -7.02 13.94
C GLU A 6 0.69 -6.31 12.99
N VAL A 7 0.62 -6.64 11.72
CA VAL A 7 1.54 -5.99 10.74
C VAL A 7 1.16 -4.51 10.59
N ASP A 8 2.10 -3.62 10.71
CA ASP A 8 1.79 -2.17 10.58
C ASP A 8 2.47 -1.61 9.33
N TYR A 9 1.88 -0.63 8.72
CA TYR A 9 2.49 -0.05 7.49
C TYR A 9 2.94 1.40 7.78
N GLU A 10 4.00 1.82 7.17
CA GLU A 10 4.48 3.22 7.41
C GLU A 10 4.61 3.95 6.08
N VAL A 11 4.52 5.26 6.10
CA VAL A 11 4.64 6.04 4.83
C VAL A 11 6.08 5.96 4.32
N GLY A 12 6.27 5.92 3.03
CA GLY A 12 7.64 5.84 2.47
C GLY A 12 8.01 4.39 2.22
N GLU A 13 7.20 3.47 2.68
CA GLU A 13 7.51 2.02 2.47
C GLU A 13 6.93 1.57 1.13
N SER A 14 7.48 0.54 0.55
CA SER A 14 6.95 0.05 -0.76
C SER A 14 6.12 -1.21 -0.52
N VAL A 15 5.01 -1.34 -1.21
CA VAL A 15 4.16 -2.55 -1.03
C VAL A 15 3.58 -2.97 -2.37
N THR A 16 3.31 -4.23 -2.54
CA THR A 16 2.75 -4.71 -3.84
C THR A 16 1.22 -4.66 -3.78
N VAL A 17 0.59 -4.22 -4.83
CA VAL A 17 -0.90 -4.15 -4.84
C VAL A 17 -1.48 -5.53 -5.12
N MET A 18 -2.50 -5.92 -4.41
CA MET A 18 -3.11 -7.26 -4.63
C MET A 18 -4.59 -7.09 -4.96
N ASP A 19 -5.25 -6.19 -4.28
CA ASP A 19 -6.70 -5.98 -4.55
C ASP A 19 -6.89 -4.81 -5.51
N GLY A 20 -7.63 -5.00 -6.57
CA GLY A 20 -7.84 -3.89 -7.54
C GLY A 20 -7.27 -4.29 -8.90
N PRO A 21 -7.32 -3.37 -9.87
CA PRO A 21 -6.81 -3.61 -11.22
C PRO A 21 -5.27 -3.61 -11.26
N PHE A 22 -4.65 -2.98 -10.31
CA PHE A 22 -3.16 -2.94 -10.29
C PHE A 22 -2.63 -4.14 -9.53
N ALA A 23 -3.48 -5.08 -9.19
CA ALA A 23 -3.02 -6.28 -8.44
C ALA A 23 -1.74 -6.83 -9.09
N THR A 24 -0.76 -7.13 -8.29
CA THR A 24 0.52 -7.67 -8.85
C THR A 24 1.36 -6.52 -9.41
N LEU A 25 1.50 -5.46 -8.66
CA LEU A 25 2.31 -4.31 -9.15
C LEU A 25 2.93 -3.58 -7.95
N PRO A 26 4.17 -3.09 -8.12
CA PRO A 26 4.89 -2.38 -7.06
C PRO A 26 4.27 -1.00 -6.77
N ALA A 27 4.18 -0.63 -5.53
CA ALA A 27 3.59 0.69 -5.20
C ALA A 27 4.27 1.26 -3.95
N THR A 28 4.18 2.54 -3.74
CA THR A 28 4.83 3.15 -2.54
C THR A 28 3.75 3.81 -1.67
N ILE A 29 3.68 3.45 -0.42
CA ILE A 29 2.65 4.05 0.47
C ILE A 29 2.92 5.56 0.61
N SER A 30 1.90 6.36 0.43
CA SER A 30 2.08 7.84 0.54
C SER A 30 1.25 8.36 1.70
N GLU A 31 0.15 7.72 2.00
CA GLU A 31 -0.71 8.19 3.12
C GLU A 31 -1.44 7.00 3.74
N VAL A 32 -1.60 6.99 5.03
CA VAL A 32 -2.30 5.86 5.70
C VAL A 32 -3.37 6.40 6.65
N ASN A 33 -4.50 5.78 6.71
CA ASN A 33 -5.58 6.26 7.62
C ASN A 33 -5.87 5.20 8.68
N ALA A 34 -5.17 5.25 9.78
CA ALA A 34 -5.41 4.23 10.85
C ALA A 34 -6.80 4.43 11.44
N GLU A 35 -7.26 5.65 11.49
CA GLU A 35 -8.62 5.90 12.06
C GLU A 35 -9.67 5.18 11.22
N GLN A 36 -9.60 5.32 9.92
CA GLN A 36 -10.59 4.63 9.05
C GLN A 36 -9.98 3.36 8.48
N GLN A 37 -8.86 2.93 9.01
CA GLN A 37 -8.22 1.69 8.50
C GLN A 37 -8.08 1.77 6.97
N LYS A 38 -7.77 2.93 6.45
CA LYS A 38 -7.64 3.07 4.97
C LYS A 38 -6.21 3.47 4.63
N LEU A 39 -5.52 2.68 3.85
CA LEU A 39 -4.12 3.02 3.48
C LEU A 39 -4.09 3.56 2.05
N LYS A 40 -3.14 4.40 1.74
CA LYS A 40 -3.05 4.96 0.37
C LYS A 40 -1.68 4.63 -0.23
N VAL A 41 -1.65 4.27 -1.47
CA VAL A 41 -0.34 3.94 -2.12
C VAL A 41 -0.29 4.59 -3.51
N LEU A 42 0.89 4.91 -3.98
CA LEU A 42 1.02 5.55 -5.32
C LEU A 42 1.57 4.54 -6.31
N VAL A 43 1.09 4.55 -7.52
CA VAL A 43 1.59 3.59 -8.54
C VAL A 43 2.43 4.35 -9.58
N SER A 44 3.51 3.77 -10.02
CA SER A 44 4.36 4.46 -11.02
C SER A 44 4.22 3.78 -12.39
N ILE A 45 3.67 4.46 -13.34
CA ILE A 45 3.50 3.84 -14.69
C ILE A 45 4.48 4.49 -15.67
N PHE A 46 4.94 3.74 -16.64
CA PHE A 46 5.90 4.32 -17.62
C PHE A 46 5.40 5.67 -18.11
N GLY A 47 6.04 6.72 -17.70
CA GLY A 47 5.61 8.08 -18.14
C GLY A 47 4.19 8.37 -17.64
N ARG A 48 3.90 8.04 -16.41
CA ARG A 48 2.54 8.29 -15.87
C ARG A 48 2.45 7.76 -14.44
N GLU A 49 2.00 8.59 -13.52
CA GLU A 49 1.89 8.14 -12.10
C GLU A 49 0.46 8.38 -11.61
N THR A 50 -0.17 7.38 -11.06
CA THR A 50 -1.55 7.55 -10.56
C THR A 50 -1.70 6.94 -9.16
N PRO A 51 -2.03 7.78 -8.17
CA PRO A 51 -2.19 7.33 -6.77
C PRO A 51 -3.45 6.46 -6.60
N VAL A 52 -3.38 5.49 -5.74
CA VAL A 52 -4.57 4.60 -5.53
C VAL A 52 -4.81 4.41 -4.03
N GLU A 53 -6.04 4.40 -3.62
CA GLU A 53 -6.35 4.21 -2.18
C GLU A 53 -6.68 2.74 -1.91
N LEU A 54 -6.12 2.18 -0.87
CA LEU A 54 -6.41 0.74 -0.56
C LEU A 54 -6.58 0.57 0.95
N THR A 55 -6.92 -0.61 1.38
CA THR A 55 -7.11 -0.85 2.84
C THR A 55 -6.01 -1.79 3.35
N PHE A 56 -5.88 -1.93 4.64
CA PHE A 56 -4.83 -2.83 5.19
C PHE A 56 -5.11 -4.26 4.73
N GLY A 57 -4.11 -4.95 4.26
CA GLY A 57 -4.30 -6.34 3.80
C GLY A 57 -4.41 -6.37 2.27
N GLN A 58 -4.85 -5.29 1.68
CA GLN A 58 -4.98 -5.25 0.20
C GLN A 58 -3.60 -5.13 -0.43
N VAL A 59 -2.56 -5.05 0.38
CA VAL A 59 -1.19 -4.93 -0.18
C VAL A 59 -0.27 -5.91 0.55
N SER A 60 0.77 -6.36 -0.11
CA SER A 60 1.71 -7.31 0.55
C SER A 60 3.12 -6.72 0.56
N LYS A 61 3.82 -6.84 1.66
CA LYS A 61 5.20 -6.29 1.72
C LYS A 61 6.15 -7.18 0.93
N ILE A 62 7.19 -6.61 0.37
CA ILE A 62 8.14 -7.43 -0.42
C ILE A 62 9.08 -8.17 0.53
N GLY A 1 -10.59 -21.17 19.02
CA GLY A 1 -9.77 -19.94 19.30
C GLY A 1 -8.52 -19.96 18.42
N ARG A 2 -8.26 -18.88 17.74
CA ARG A 2 -7.06 -18.82 16.86
C ARG A 2 -6.20 -17.62 17.24
N PRO A 3 -4.92 -17.62 16.83
CA PRO A 3 -3.99 -16.52 17.12
C PRO A 3 -4.33 -15.27 16.34
N VAL A 4 -4.12 -14.11 16.92
CA VAL A 4 -4.43 -12.85 16.21
C VAL A 4 -3.14 -12.06 15.96
N VAL A 5 -2.95 -11.58 14.76
CA VAL A 5 -1.71 -10.80 14.47
C VAL A 5 -2.08 -9.51 13.74
N GLU A 6 -1.43 -8.43 14.07
CA GLU A 6 -1.75 -7.14 13.41
C GLU A 6 -0.50 -6.62 12.66
N VAL A 7 -0.67 -6.12 11.48
CA VAL A 7 0.50 -5.59 10.72
C VAL A 7 0.38 -4.08 10.57
N ASP A 8 1.44 -3.37 10.81
CA ASP A 8 1.39 -1.89 10.69
C ASP A 8 2.20 -1.45 9.47
N TYR A 9 1.71 -0.51 8.71
CA TYR A 9 2.44 -0.04 7.51
C TYR A 9 2.96 1.38 7.74
N GLU A 10 4.00 1.78 7.07
CA GLU A 10 4.53 3.15 7.25
C GLU A 10 4.65 3.84 5.89
N VAL A 11 4.71 5.14 5.87
CA VAL A 11 4.83 5.87 4.58
C VAL A 11 6.27 5.74 4.05
N GLY A 12 6.43 5.66 2.76
CA GLY A 12 7.80 5.53 2.18
C GLY A 12 8.13 4.05 1.99
N GLU A 13 7.33 3.17 2.51
CA GLU A 13 7.60 1.71 2.35
C GLU A 13 7.01 1.23 1.02
N SER A 14 7.57 0.20 0.46
CA SER A 14 7.04 -0.33 -0.83
C SER A 14 6.16 -1.54 -0.57
N VAL A 15 5.05 -1.64 -1.26
CA VAL A 15 4.15 -2.81 -1.05
C VAL A 15 3.64 -3.31 -2.39
N THR A 16 3.13 -4.52 -2.44
CA THR A 16 2.63 -5.06 -3.72
C THR A 16 1.09 -4.98 -3.74
N VAL A 17 0.53 -4.50 -4.81
CA VAL A 17 -0.96 -4.40 -4.88
C VAL A 17 -1.57 -5.81 -4.87
N MET A 18 -2.46 -6.07 -3.96
CA MET A 18 -3.09 -7.43 -3.90
C MET A 18 -4.54 -7.34 -4.36
N ASP A 19 -5.11 -6.16 -4.35
CA ASP A 19 -6.53 -6.01 -4.78
C ASP A 19 -6.66 -4.81 -5.71
N GLY A 20 -7.53 -4.89 -6.67
CA GLY A 20 -7.71 -3.74 -7.62
C GLY A 20 -7.17 -4.13 -8.99
N PRO A 21 -7.20 -3.17 -9.94
CA PRO A 21 -6.71 -3.40 -11.30
C PRO A 21 -5.18 -3.45 -11.35
N PHE A 22 -4.52 -2.84 -10.41
CA PHE A 22 -3.04 -2.86 -10.41
C PHE A 22 -2.54 -4.08 -9.65
N ALA A 23 -3.43 -4.96 -9.26
CA ALA A 23 -3.00 -6.18 -8.51
C ALA A 23 -1.72 -6.75 -9.13
N THR A 24 -0.76 -7.06 -8.31
CA THR A 24 0.53 -7.62 -8.83
C THR A 24 1.40 -6.48 -9.36
N LEU A 25 1.52 -5.42 -8.61
CA LEU A 25 2.37 -4.27 -9.06
C LEU A 25 2.94 -3.56 -7.84
N PRO A 26 4.20 -3.11 -7.94
CA PRO A 26 4.89 -2.41 -6.84
C PRO A 26 4.30 -1.01 -6.61
N ALA A 27 4.02 -0.67 -5.39
CA ALA A 27 3.45 0.67 -5.10
C ALA A 27 4.13 1.26 -3.86
N THR A 28 4.03 2.54 -3.66
CA THR A 28 4.68 3.17 -2.46
C THR A 28 3.61 3.84 -1.60
N ILE A 29 3.50 3.44 -0.37
CA ILE A 29 2.48 4.06 0.53
C ILE A 29 2.75 5.56 0.65
N SER A 30 1.86 6.38 0.17
CA SER A 30 2.07 7.85 0.25
C SER A 30 1.28 8.41 1.44
N GLU A 31 0.24 7.74 1.84
CA GLU A 31 -0.56 8.24 3.00
C GLU A 31 -1.22 7.07 3.73
N VAL A 32 -1.38 7.18 5.01
CA VAL A 32 -2.01 6.07 5.78
C VAL A 32 -3.27 6.57 6.49
N ASN A 33 -4.33 5.82 6.43
CA ASN A 33 -5.59 6.25 7.10
C ASN A 33 -6.01 5.20 8.14
N ALA A 34 -5.20 4.99 9.14
CA ALA A 34 -5.54 3.99 10.18
C ALA A 34 -6.92 4.32 10.77
N GLU A 35 -7.24 5.58 10.89
CA GLU A 35 -8.56 5.97 11.46
C GLU A 35 -9.66 5.21 10.72
N GLN A 36 -9.63 5.22 9.42
CA GLN A 36 -10.69 4.50 8.64
C GLN A 36 -10.14 3.15 8.16
N GLN A 37 -9.11 2.66 8.79
CA GLN A 37 -8.54 1.35 8.38
C GLN A 37 -8.25 1.37 6.87
N LYS A 38 -7.68 2.43 6.38
CA LYS A 38 -7.37 2.50 4.92
C LYS A 38 -5.94 3.00 4.72
N LEU A 39 -5.36 2.72 3.59
CA LEU A 39 -3.97 3.18 3.34
C LEU A 39 -3.88 3.79 1.93
N LYS A 40 -2.94 4.66 1.72
CA LYS A 40 -2.80 5.30 0.38
C LYS A 40 -1.47 4.85 -0.25
N VAL A 41 -1.51 4.40 -1.47
CA VAL A 41 -0.25 3.94 -2.13
C VAL A 41 -0.12 4.60 -3.51
N LEU A 42 1.05 5.07 -3.83
CA LEU A 42 1.25 5.72 -5.16
C LEU A 42 1.72 4.68 -6.17
N VAL A 43 1.21 4.72 -7.37
CA VAL A 43 1.63 3.72 -8.40
C VAL A 43 2.42 4.43 -9.50
N SER A 44 3.46 3.81 -9.99
CA SER A 44 4.27 4.44 -11.07
C SER A 44 3.94 3.78 -12.41
N ILE A 45 3.51 4.54 -13.37
CA ILE A 45 3.19 3.95 -14.70
C ILE A 45 4.07 4.59 -15.78
N PHE A 46 4.40 3.86 -16.81
CA PHE A 46 5.25 4.43 -17.89
C PHE A 46 4.84 5.89 -18.16
N GLY A 47 5.68 6.82 -17.78
CA GLY A 47 5.34 8.25 -18.01
C GLY A 47 3.92 8.53 -17.48
N ARG A 48 3.58 7.96 -16.36
CA ARG A 48 2.22 8.20 -15.79
C ARG A 48 2.21 7.82 -14.31
N GLU A 49 1.95 8.76 -13.45
CA GLU A 49 1.92 8.45 -11.99
C GLU A 49 0.50 8.68 -11.45
N THR A 50 -0.09 7.69 -10.85
CA THR A 50 -1.47 7.85 -10.32
C THR A 50 -1.56 7.21 -8.93
N PRO A 51 -1.91 8.01 -7.91
CA PRO A 51 -2.05 7.52 -6.54
C PRO A 51 -3.30 6.62 -6.38
N VAL A 52 -3.21 5.61 -5.56
CA VAL A 52 -4.38 4.72 -5.37
C VAL A 52 -4.60 4.47 -3.86
N GLU A 53 -5.83 4.41 -3.44
CA GLU A 53 -6.11 4.18 -2.00
C GLU A 53 -6.53 2.72 -1.80
N LEU A 54 -6.07 2.10 -0.75
CA LEU A 54 -6.45 0.67 -0.50
C LEU A 54 -6.69 0.47 1.00
N THR A 55 -7.14 -0.70 1.39
CA THR A 55 -7.40 -0.95 2.82
C THR A 55 -6.29 -1.85 3.39
N PHE A 56 -6.11 -1.84 4.68
CA PHE A 56 -5.04 -2.70 5.29
C PHE A 56 -5.26 -4.14 4.86
N GLY A 57 -4.23 -4.82 4.43
CA GLY A 57 -4.38 -6.23 4.01
C GLY A 57 -4.42 -6.30 2.48
N GLN A 58 -4.83 -5.23 1.84
CA GLN A 58 -4.90 -5.23 0.35
C GLN A 58 -3.48 -5.08 -0.22
N VAL A 59 -2.49 -4.97 0.64
CA VAL A 59 -1.10 -4.83 0.14
C VAL A 59 -0.18 -5.79 0.89
N SER A 60 0.87 -6.24 0.25
CA SER A 60 1.79 -7.19 0.93
C SER A 60 3.21 -6.63 0.87
N LYS A 61 3.94 -6.72 1.95
CA LYS A 61 5.34 -6.20 1.95
C LYS A 61 6.27 -7.19 1.23
N ILE A 62 7.30 -6.70 0.61
CA ILE A 62 8.23 -7.60 -0.11
C ILE A 62 9.49 -7.82 0.73
N GLY A 1 8.54 4.96 22.22
CA GLY A 1 8.56 6.09 23.21
C GLY A 1 7.64 7.21 22.72
N ARG A 2 8.01 8.43 22.98
CA ARG A 2 7.15 9.56 22.53
C ARG A 2 6.68 9.32 21.09
N PRO A 3 7.63 9.19 20.16
CA PRO A 3 7.34 8.96 18.75
C PRO A 3 6.84 7.53 18.50
N VAL A 4 5.73 7.39 17.81
CA VAL A 4 5.20 6.03 17.55
C VAL A 4 4.87 5.89 16.06
N VAL A 5 5.14 4.74 15.49
CA VAL A 5 4.85 4.55 14.04
C VAL A 5 3.99 3.30 13.85
N GLU A 6 3.23 3.25 12.80
CA GLU A 6 2.36 2.06 12.56
C GLU A 6 3.22 0.79 12.52
N VAL A 7 2.77 -0.26 13.13
CA VAL A 7 3.58 -1.53 13.13
C VAL A 7 3.23 -2.34 11.88
N ASP A 8 2.18 -1.98 11.20
CA ASP A 8 1.78 -2.74 9.98
C ASP A 8 2.42 -2.09 8.74
N TYR A 9 1.94 -0.94 8.35
CA TYR A 9 2.53 -0.26 7.16
C TYR A 9 2.98 1.15 7.54
N GLU A 10 4.00 1.65 6.91
CA GLU A 10 4.48 3.01 7.25
C GLU A 10 4.68 3.82 5.96
N VAL A 11 4.45 5.10 6.01
CA VAL A 11 4.61 5.93 4.79
C VAL A 11 6.06 5.86 4.32
N GLY A 12 6.28 5.82 3.03
CA GLY A 12 7.67 5.75 2.51
C GLY A 12 8.05 4.29 2.25
N GLU A 13 7.26 3.37 2.73
CA GLU A 13 7.58 1.93 2.50
C GLU A 13 7.02 1.49 1.15
N SER A 14 7.59 0.49 0.55
CA SER A 14 7.09 0.01 -0.77
C SER A 14 6.21 -1.23 -0.57
N VAL A 15 5.14 -1.33 -1.28
CA VAL A 15 4.25 -2.51 -1.14
C VAL A 15 3.78 -2.99 -2.52
N THR A 16 3.20 -4.15 -2.60
CA THR A 16 2.71 -4.66 -3.91
C THR A 16 1.19 -4.66 -3.93
N VAL A 17 0.60 -4.21 -5.01
CA VAL A 17 -0.88 -4.18 -5.09
C VAL A 17 -1.42 -5.61 -5.10
N MET A 18 -2.30 -5.93 -4.18
CA MET A 18 -2.87 -7.31 -4.14
C MET A 18 -4.35 -7.27 -4.47
N ASP A 19 -4.98 -6.13 -4.31
CA ASP A 19 -6.43 -6.03 -4.61
C ASP A 19 -6.67 -4.85 -5.57
N GLY A 20 -7.40 -5.08 -6.63
CA GLY A 20 -7.68 -3.99 -7.60
C GLY A 20 -7.13 -4.37 -8.97
N PRO A 21 -7.22 -3.45 -9.94
CA PRO A 21 -6.74 -3.69 -11.31
C PRO A 21 -5.21 -3.68 -11.38
N PHE A 22 -4.56 -3.06 -10.42
CA PHE A 22 -3.07 -3.01 -10.44
C PHE A 22 -2.52 -4.21 -9.66
N ALA A 23 -3.35 -5.16 -9.35
CA ALA A 23 -2.86 -6.35 -8.59
C ALA A 23 -1.57 -6.88 -9.22
N THR A 24 -0.58 -7.16 -8.42
CA THR A 24 0.71 -7.67 -8.96
C THR A 24 1.54 -6.51 -9.49
N LEU A 25 1.64 -5.46 -8.73
CA LEU A 25 2.44 -4.27 -9.17
C LEU A 25 3.01 -3.55 -7.95
N PRO A 26 4.19 -2.93 -8.12
CA PRO A 26 4.86 -2.22 -7.03
C PRO A 26 4.11 -0.93 -6.66
N ALA A 27 4.08 -0.58 -5.40
CA ALA A 27 3.38 0.66 -4.99
C ALA A 27 4.10 1.29 -3.80
N THR A 28 4.08 2.59 -3.70
CA THR A 28 4.76 3.27 -2.56
C THR A 28 3.72 3.93 -1.66
N ILE A 29 3.63 3.50 -0.43
CA ILE A 29 2.62 4.11 0.49
C ILE A 29 2.89 5.61 0.63
N SER A 30 1.91 6.43 0.35
CA SER A 30 2.11 7.90 0.47
C SER A 30 1.21 8.44 1.59
N GLU A 31 0.16 7.74 1.91
CA GLU A 31 -0.74 8.22 2.99
C GLU A 31 -1.44 7.01 3.63
N VAL A 32 -1.56 7.00 4.92
CA VAL A 32 -2.24 5.86 5.60
C VAL A 32 -3.28 6.39 6.59
N ASN A 33 -4.43 5.76 6.65
CA ASN A 33 -5.48 6.24 7.58
C ASN A 33 -5.75 5.16 8.64
N ALA A 34 -4.99 5.16 9.70
CA ALA A 34 -5.20 4.14 10.76
C ALA A 34 -6.56 4.36 11.44
N GLU A 35 -6.99 5.59 11.50
CA GLU A 35 -8.30 5.89 12.14
C GLU A 35 -9.42 5.18 11.37
N GLN A 36 -9.40 5.25 10.07
CA GLN A 36 -10.45 4.57 9.27
C GLN A 36 -9.90 3.27 8.69
N GLN A 37 -8.75 2.85 9.13
CA GLN A 37 -8.16 1.59 8.61
C GLN A 37 -8.07 1.66 7.08
N LYS A 38 -7.76 2.81 6.55
CA LYS A 38 -7.65 2.96 5.07
C LYS A 38 -6.22 3.36 4.70
N LEU A 39 -5.57 2.57 3.89
CA LEU A 39 -4.17 2.92 3.50
C LEU A 39 -4.17 3.47 2.08
N LYS A 40 -3.24 4.32 1.76
CA LYS A 40 -3.17 4.90 0.39
C LYS A 40 -1.78 4.66 -0.21
N VAL A 41 -1.71 4.35 -1.48
CA VAL A 41 -0.39 4.10 -2.12
C VAL A 41 -0.40 4.68 -3.53
N LEU A 42 0.73 5.15 -3.99
CA LEU A 42 0.79 5.73 -5.37
C LEU A 42 1.39 4.71 -6.32
N VAL A 43 0.89 4.63 -7.53
CA VAL A 43 1.43 3.67 -8.51
C VAL A 43 2.30 4.40 -9.53
N SER A 44 3.38 3.79 -9.97
CA SER A 44 4.26 4.45 -10.96
C SER A 44 4.09 3.77 -12.32
N ILE A 45 3.50 4.45 -13.26
CA ILE A 45 3.31 3.84 -14.60
C ILE A 45 4.34 4.42 -15.58
N PHE A 46 4.76 3.64 -16.54
CA PHE A 46 5.76 4.13 -17.52
C PHE A 46 5.39 5.55 -17.97
N GLY A 47 6.12 6.53 -17.52
CA GLY A 47 5.81 7.94 -17.93
C GLY A 47 4.40 8.30 -17.48
N ARG A 48 4.05 7.99 -16.26
CA ARG A 48 2.69 8.33 -15.76
C ARG A 48 2.52 7.81 -14.32
N GLU A 49 2.08 8.65 -13.43
CA GLU A 49 1.90 8.20 -12.02
C GLU A 49 0.45 8.42 -11.60
N THR A 50 -0.20 7.39 -11.12
CA THR A 50 -1.62 7.56 -10.69
C THR A 50 -1.79 7.01 -9.27
N PRO A 51 -2.16 7.89 -8.32
CA PRO A 51 -2.36 7.51 -6.92
C PRO A 51 -3.62 6.65 -6.73
N VAL A 52 -3.57 5.70 -5.84
CA VAL A 52 -4.77 4.83 -5.63
C VAL A 52 -4.95 4.58 -4.13
N GLU A 53 -6.16 4.57 -3.66
CA GLU A 53 -6.40 4.32 -2.21
C GLU A 53 -6.73 2.84 -1.99
N LEU A 54 -6.36 2.31 -0.85
CA LEU A 54 -6.65 0.87 -0.58
C LEU A 54 -6.85 0.67 0.92
N THR A 55 -7.22 -0.52 1.32
CA THR A 55 -7.43 -0.79 2.77
C THR A 55 -6.31 -1.69 3.29
N PHE A 56 -6.15 -1.78 4.58
CA PHE A 56 -5.08 -2.65 5.14
C PHE A 56 -5.30 -4.10 4.68
N GLY A 57 -4.26 -4.79 4.31
CA GLY A 57 -4.42 -6.19 3.85
C GLY A 57 -4.47 -6.22 2.31
N GLN A 58 -4.88 -5.14 1.71
CA GLN A 58 -4.96 -5.10 0.23
C GLN A 58 -3.55 -4.98 -0.36
N VAL A 59 -2.55 -4.93 0.48
CA VAL A 59 -1.15 -4.80 -0.03
C VAL A 59 -0.26 -5.84 0.67
N SER A 60 0.75 -6.32 0.00
CA SER A 60 1.65 -7.33 0.63
C SER A 60 3.07 -6.77 0.70
N LYS A 61 3.73 -6.97 1.81
CA LYS A 61 5.12 -6.45 1.95
C LYS A 61 6.08 -7.34 1.15
N ILE A 62 7.16 -6.77 0.67
CA ILE A 62 8.13 -7.59 -0.11
C ILE A 62 8.99 -8.43 0.85
N GLY A 1 4.77 -12.69 16.64
CA GLY A 1 6.23 -12.91 16.89
C GLY A 1 6.72 -11.93 17.96
N ARG A 2 7.79 -12.25 18.63
CA ARG A 2 8.31 -11.34 19.68
C ARG A 2 8.30 -9.89 19.16
N PRO A 3 9.04 -9.64 18.08
CA PRO A 3 9.11 -8.30 17.47
C PRO A 3 7.81 -7.92 16.75
N VAL A 4 7.29 -6.76 17.04
CA VAL A 4 6.03 -6.33 16.37
C VAL A 4 6.11 -4.85 16.02
N VAL A 5 5.40 -4.43 15.01
CA VAL A 5 5.45 -3.00 14.62
C VAL A 5 4.15 -2.31 15.06
N GLU A 6 4.25 -1.28 15.86
CA GLU A 6 3.03 -0.56 16.31
C GLU A 6 2.14 -0.26 15.11
N VAL A 7 2.73 -0.09 13.96
CA VAL A 7 1.93 0.22 12.75
C VAL A 7 2.05 -0.94 11.75
N ASP A 8 1.10 -1.07 10.86
CA ASP A 8 1.17 -2.18 9.87
C ASP A 8 1.91 -1.70 8.62
N TYR A 9 1.76 -0.45 8.27
CA TYR A 9 2.45 0.08 7.06
C TYR A 9 2.91 1.51 7.33
N GLU A 10 3.94 1.95 6.65
CA GLU A 10 4.43 3.34 6.86
C GLU A 10 4.62 4.02 5.50
N VAL A 11 4.68 5.32 5.49
CA VAL A 11 4.86 6.05 4.20
C VAL A 11 6.30 5.88 3.72
N GLY A 12 6.50 5.69 2.45
CA GLY A 12 7.87 5.52 1.92
C GLY A 12 8.17 4.03 1.73
N GLU A 13 7.31 3.18 2.21
CA GLU A 13 7.55 1.71 2.06
C GLU A 13 6.92 1.22 0.77
N SER A 14 7.46 0.19 0.17
CA SER A 14 6.89 -0.34 -1.09
C SER A 14 6.13 -1.64 -0.81
N VAL A 15 5.04 -1.86 -1.48
CA VAL A 15 4.26 -3.11 -1.24
C VAL A 15 3.69 -3.61 -2.58
N THR A 16 3.43 -4.89 -2.68
CA THR A 16 2.88 -5.44 -3.94
C THR A 16 1.36 -5.29 -3.94
N VAL A 17 0.82 -4.64 -4.93
CA VAL A 17 -0.67 -4.47 -4.99
C VAL A 17 -1.34 -5.84 -5.12
N MET A 18 -2.36 -6.08 -4.35
CA MET A 18 -3.06 -7.40 -4.43
C MET A 18 -4.55 -7.18 -4.69
N ASP A 19 -5.12 -6.16 -4.10
CA ASP A 19 -6.56 -5.89 -4.32
C ASP A 19 -6.73 -4.81 -5.37
N GLY A 20 -7.43 -5.10 -6.43
CA GLY A 20 -7.63 -4.08 -7.51
C GLY A 20 -7.03 -4.60 -8.82
N PRO A 21 -7.08 -3.76 -9.87
CA PRO A 21 -6.55 -4.12 -11.19
C PRO A 21 -5.02 -4.09 -11.21
N PHE A 22 -4.42 -3.45 -10.26
CA PHE A 22 -2.92 -3.39 -10.22
C PHE A 22 -2.37 -4.60 -9.47
N ALA A 23 -3.22 -5.49 -9.07
CA ALA A 23 -2.74 -6.70 -8.32
C ALA A 23 -1.46 -7.23 -8.99
N THR A 24 -0.45 -7.49 -8.20
CA THR A 24 0.83 -8.00 -8.76
C THR A 24 1.62 -6.84 -9.36
N LEU A 25 1.74 -5.76 -8.64
CA LEU A 25 2.49 -4.59 -9.17
C LEU A 25 3.13 -3.83 -8.01
N PRO A 26 4.36 -3.33 -8.21
CA PRO A 26 5.08 -2.57 -7.18
C PRO A 26 4.45 -1.20 -6.93
N ALA A 27 4.07 -0.93 -5.70
CA ALA A 27 3.45 0.39 -5.39
C ALA A 27 4.15 1.01 -4.19
N THR A 28 4.02 2.30 -4.01
CA THR A 28 4.68 2.95 -2.85
C THR A 28 3.62 3.62 -1.97
N ILE A 29 3.61 3.29 -0.70
CA ILE A 29 2.59 3.90 0.21
C ILE A 29 2.82 5.41 0.27
N SER A 30 1.81 6.18 -0.06
CA SER A 30 1.96 7.66 -0.03
C SER A 30 1.19 8.23 1.17
N GLU A 31 0.07 7.64 1.50
CA GLU A 31 -0.73 8.14 2.65
C GLU A 31 -1.42 6.97 3.35
N VAL A 32 -1.50 7.02 4.65
CA VAL A 32 -2.15 5.90 5.40
C VAL A 32 -3.13 6.49 6.41
N ASN A 33 -4.30 5.90 6.54
CA ASN A 33 -5.30 6.42 7.51
C ASN A 33 -5.58 5.36 8.57
N ALA A 34 -4.82 5.34 9.63
CA ALA A 34 -5.04 4.34 10.70
C ALA A 34 -6.39 4.59 11.36
N GLU A 35 -6.75 5.84 11.55
CA GLU A 35 -8.05 6.14 12.20
C GLU A 35 -9.17 5.42 11.46
N GLN A 36 -9.20 5.52 10.16
CA GLN A 36 -10.27 4.84 9.38
C GLN A 36 -9.74 3.51 8.84
N GLN A 37 -8.54 3.14 9.22
CA GLN A 37 -7.97 1.86 8.72
C GLN A 37 -7.91 1.90 7.18
N LYS A 38 -7.64 3.04 6.61
CA LYS A 38 -7.57 3.13 5.13
C LYS A 38 -6.14 3.49 4.70
N LEU A 39 -5.51 2.65 3.94
CA LEU A 39 -4.12 2.95 3.48
C LEU A 39 -4.14 3.42 2.04
N LYS A 40 -3.21 4.27 1.67
CA LYS A 40 -3.17 4.77 0.28
C LYS A 40 -1.81 4.47 -0.34
N VAL A 41 -1.79 4.07 -1.59
CA VAL A 41 -0.49 3.77 -2.26
C VAL A 41 -0.44 4.44 -3.63
N LEU A 42 0.63 5.11 -3.94
CA LEU A 42 0.73 5.78 -5.26
C LEU A 42 1.55 4.91 -6.22
N VAL A 43 1.11 4.78 -7.44
CA VAL A 43 1.87 3.94 -8.41
C VAL A 43 2.61 4.85 -9.40
N SER A 44 3.81 4.49 -9.78
CA SER A 44 4.57 5.34 -10.73
C SER A 44 4.62 4.66 -12.10
N ILE A 45 3.94 5.20 -13.07
CA ILE A 45 3.95 4.59 -14.42
C ILE A 45 4.87 5.40 -15.34
N PHE A 46 5.49 4.75 -16.28
CA PHE A 46 6.40 5.49 -17.22
C PHE A 46 5.75 6.81 -17.64
N GLY A 47 6.27 7.90 -17.16
CA GLY A 47 5.70 9.23 -17.54
C GLY A 47 4.21 9.27 -17.17
N ARG A 48 3.88 8.85 -15.97
CA ARG A 48 2.45 8.85 -15.55
C ARG A 48 2.33 8.28 -14.14
N GLU A 49 1.73 9.00 -13.23
CA GLU A 49 1.58 8.49 -11.85
C GLU A 49 0.09 8.41 -11.50
N THR A 50 -0.37 7.26 -11.05
CA THR A 50 -1.80 7.12 -10.71
C THR A 50 -1.94 6.63 -9.26
N PRO A 51 -2.37 7.52 -8.36
CA PRO A 51 -2.55 7.19 -6.94
C PRO A 51 -3.78 6.29 -6.72
N VAL A 52 -3.73 5.44 -5.74
CA VAL A 52 -4.90 4.54 -5.48
C VAL A 52 -5.10 4.37 -3.98
N GLU A 53 -6.32 4.33 -3.52
CA GLU A 53 -6.58 4.17 -2.07
C GLU A 53 -6.95 2.71 -1.78
N LEU A 54 -6.34 2.13 -0.79
CA LEU A 54 -6.65 0.70 -0.45
C LEU A 54 -6.82 0.56 1.06
N THR A 55 -7.19 -0.60 1.53
CA THR A 55 -7.37 -0.79 2.99
C THR A 55 -6.28 -1.73 3.52
N PHE A 56 -6.12 -1.80 4.81
CA PHE A 56 -5.07 -2.70 5.37
C PHE A 56 -5.38 -4.14 4.99
N GLY A 57 -4.40 -4.85 4.46
CA GLY A 57 -4.64 -6.26 4.06
C GLY A 57 -4.76 -6.34 2.54
N GLN A 58 -5.16 -5.28 1.91
CA GLN A 58 -5.29 -5.31 0.42
C GLN A 58 -3.90 -5.23 -0.22
N VAL A 59 -2.87 -5.16 0.57
CA VAL A 59 -1.49 -5.09 0.01
C VAL A 59 -0.59 -6.10 0.71
N SER A 60 0.42 -6.58 0.05
CA SER A 60 1.33 -7.58 0.68
C SER A 60 2.69 -6.92 0.95
N LYS A 61 3.32 -7.27 2.05
CA LYS A 61 4.64 -6.66 2.35
C LYS A 61 5.73 -7.40 1.59
N ILE A 62 6.77 -6.71 1.19
CA ILE A 62 7.86 -7.37 0.43
C ILE A 62 8.99 -7.75 1.38
N GLY A 1 1.58 -9.99 24.43
CA GLY A 1 0.96 -10.61 23.23
C GLY A 1 1.97 -10.63 22.08
N ARG A 2 1.57 -11.10 20.93
CA ARG A 2 2.52 -11.15 19.77
C ARG A 2 1.91 -10.40 18.59
N PRO A 3 1.97 -9.06 18.63
CA PRO A 3 1.43 -8.21 17.56
C PRO A 3 2.26 -8.31 16.28
N VAL A 4 1.64 -8.14 15.14
CA VAL A 4 2.38 -8.23 13.85
C VAL A 4 2.60 -6.82 13.29
N VAL A 5 3.76 -6.56 12.76
CA VAL A 5 4.03 -5.20 12.20
C VAL A 5 3.39 -5.09 10.82
N GLU A 6 3.14 -6.20 10.17
CA GLU A 6 2.52 -6.15 8.82
C GLU A 6 1.14 -5.48 8.92
N VAL A 7 0.45 -5.69 10.00
CA VAL A 7 -0.90 -5.08 10.16
C VAL A 7 -0.78 -3.56 10.04
N ASP A 8 0.36 -3.01 10.34
CA ASP A 8 0.54 -1.55 10.24
C ASP A 8 1.58 -1.22 9.16
N TYR A 9 1.27 -0.30 8.29
CA TYR A 9 2.23 0.06 7.21
C TYR A 9 2.83 1.44 7.50
N GLU A 10 3.97 1.74 6.92
CA GLU A 10 4.59 3.06 7.16
C GLU A 10 4.76 3.80 5.83
N VAL A 11 4.68 5.10 5.85
CA VAL A 11 4.82 5.88 4.59
C VAL A 11 6.27 5.75 4.09
N GLY A 12 6.46 5.66 2.80
CA GLY A 12 7.84 5.54 2.26
C GLY A 12 8.17 4.06 2.04
N GLU A 13 7.37 3.18 2.58
CA GLU A 13 7.65 1.72 2.40
C GLU A 13 7.06 1.25 1.08
N SER A 14 7.64 0.23 0.50
CA SER A 14 7.12 -0.28 -0.79
C SER A 14 6.15 -1.44 -0.54
N VAL A 15 5.16 -1.59 -1.37
CA VAL A 15 4.17 -2.69 -1.16
C VAL A 15 3.69 -3.20 -2.53
N THR A 16 3.15 -4.38 -2.58
CA THR A 16 2.65 -4.92 -3.87
C THR A 16 1.12 -4.88 -3.89
N VAL A 17 0.55 -4.43 -4.96
CA VAL A 17 -0.94 -4.36 -5.04
C VAL A 17 -1.51 -5.78 -5.07
N MET A 18 -2.45 -6.07 -4.23
CA MET A 18 -3.05 -7.44 -4.21
C MET A 18 -4.53 -7.36 -4.54
N ASP A 19 -5.12 -6.20 -4.44
CA ASP A 19 -6.57 -6.06 -4.75
C ASP A 19 -6.78 -4.90 -5.72
N GLY A 20 -7.56 -5.10 -6.75
CA GLY A 20 -7.81 -4.02 -7.73
C GLY A 20 -7.21 -4.41 -9.08
N PRO A 21 -7.27 -3.48 -10.06
CA PRO A 21 -6.74 -3.72 -11.41
C PRO A 21 -5.22 -3.72 -11.43
N PHE A 22 -4.59 -3.26 -10.38
CA PHE A 22 -3.11 -3.22 -10.35
C PHE A 22 -2.58 -4.43 -9.56
N ALA A 23 -3.46 -5.33 -9.18
CA ALA A 23 -3.01 -6.53 -8.42
C ALA A 23 -1.72 -7.08 -9.02
N THR A 24 -0.76 -7.40 -8.20
CA THR A 24 0.53 -7.93 -8.70
C THR A 24 1.35 -6.78 -9.30
N LEU A 25 1.49 -5.71 -8.57
CA LEU A 25 2.28 -4.56 -9.07
C LEU A 25 2.89 -3.80 -7.89
N PRO A 26 4.04 -3.15 -8.11
CA PRO A 26 4.72 -2.39 -7.06
C PRO A 26 3.95 -1.12 -6.67
N ALA A 27 3.98 -0.76 -5.42
CA ALA A 27 3.25 0.47 -4.98
C ALA A 27 4.00 1.13 -3.82
N THR A 28 3.98 2.42 -3.76
CA THR A 28 4.69 3.14 -2.67
C THR A 28 3.66 3.83 -1.76
N ILE A 29 3.56 3.41 -0.53
CA ILE A 29 2.58 4.04 0.39
C ILE A 29 2.87 5.54 0.52
N SER A 30 1.98 6.37 0.04
CA SER A 30 2.21 7.84 0.14
C SER A 30 1.45 8.39 1.35
N GLU A 31 0.40 7.73 1.75
CA GLU A 31 -0.38 8.21 2.92
C GLU A 31 -1.17 7.04 3.53
N VAL A 32 -1.31 7.01 4.83
CA VAL A 32 -2.06 5.90 5.47
C VAL A 32 -3.13 6.47 6.40
N ASN A 33 -4.25 5.83 6.49
CA ASN A 33 -5.33 6.34 7.40
C ASN A 33 -5.73 5.25 8.39
N ALA A 34 -4.98 5.10 9.44
CA ALA A 34 -5.32 4.05 10.45
C ALA A 34 -6.64 4.40 11.13
N GLU A 35 -6.96 5.67 11.20
CA GLU A 35 -8.25 6.07 11.85
C GLU A 35 -9.40 5.29 11.22
N GLN A 36 -9.45 5.20 9.92
CA GLN A 36 -10.54 4.46 9.25
C GLN A 36 -10.01 3.13 8.71
N GLN A 37 -8.89 2.69 9.21
CA GLN A 37 -8.31 1.40 8.73
C GLN A 37 -8.13 1.47 7.20
N LYS A 38 -7.68 2.59 6.70
CA LYS A 38 -7.48 2.71 5.23
C LYS A 38 -6.03 3.11 4.94
N LEU A 39 -5.51 2.69 3.81
CA LEU A 39 -4.10 3.04 3.48
C LEU A 39 -4.06 3.66 2.07
N LYS A 40 -3.13 4.54 1.83
CA LYS A 40 -3.03 5.17 0.49
C LYS A 40 -1.68 4.84 -0.14
N VAL A 41 -1.67 4.46 -1.39
CA VAL A 41 -0.38 4.12 -2.05
C VAL A 41 -0.37 4.71 -3.46
N LEU A 42 0.75 5.21 -3.90
CA LEU A 42 0.83 5.80 -5.27
C LEU A 42 1.51 4.82 -6.22
N VAL A 43 1.03 4.72 -7.42
CA VAL A 43 1.66 3.79 -8.40
C VAL A 43 2.45 4.58 -9.44
N SER A 44 3.58 4.07 -9.86
CA SER A 44 4.39 4.80 -10.87
C SER A 44 4.32 4.09 -12.21
N ILE A 45 3.66 4.67 -13.18
CA ILE A 45 3.56 4.03 -14.52
C ILE A 45 4.50 4.74 -15.49
N PHE A 46 5.02 4.04 -16.45
CA PHE A 46 5.94 4.67 -17.44
C PHE A 46 5.41 6.06 -17.80
N GLY A 47 6.07 7.09 -17.33
CA GLY A 47 5.60 8.47 -17.66
C GLY A 47 4.13 8.62 -17.26
N ARG A 48 3.75 8.08 -16.13
CA ARG A 48 2.33 8.19 -15.70
C ARG A 48 2.21 7.80 -14.23
N GLU A 49 1.87 8.73 -13.37
CA GLU A 49 1.74 8.41 -11.92
C GLU A 49 0.26 8.48 -11.52
N THR A 50 -0.28 7.39 -11.04
CA THR A 50 -1.72 7.41 -10.64
C THR A 50 -1.85 6.89 -9.20
N PRO A 51 -2.24 7.78 -8.27
CA PRO A 51 -2.42 7.43 -6.86
C PRO A 51 -3.66 6.56 -6.65
N VAL A 52 -3.61 5.64 -5.72
CA VAL A 52 -4.80 4.77 -5.47
C VAL A 52 -4.95 4.54 -3.96
N GLU A 53 -6.16 4.54 -3.48
CA GLU A 53 -6.38 4.32 -2.02
C GLU A 53 -6.65 2.85 -1.75
N LEU A 54 -5.90 2.24 -0.87
CA LEU A 54 -6.13 0.80 -0.57
C LEU A 54 -6.39 0.63 0.92
N THR A 55 -6.77 -0.55 1.34
CA THR A 55 -7.04 -0.79 2.79
C THR A 55 -5.99 -1.74 3.35
N PHE A 56 -5.82 -1.76 4.64
CA PHE A 56 -4.81 -2.67 5.26
C PHE A 56 -5.11 -4.11 4.84
N GLY A 57 -4.17 -4.76 4.20
CA GLY A 57 -4.41 -6.17 3.77
C GLY A 57 -4.46 -6.22 2.24
N GLN A 58 -4.83 -5.15 1.61
CA GLN A 58 -4.91 -5.14 0.12
C GLN A 58 -3.50 -5.02 -0.45
N VAL A 59 -2.51 -4.94 0.39
CA VAL A 59 -1.11 -4.81 -0.11
C VAL A 59 -0.21 -5.77 0.68
N SER A 60 0.89 -6.17 0.10
CA SER A 60 1.81 -7.10 0.80
C SER A 60 3.23 -6.53 0.80
N LYS A 61 3.93 -6.65 1.89
CA LYS A 61 5.32 -6.12 1.95
C LYS A 61 6.27 -7.09 1.26
N ILE A 62 7.34 -6.59 0.69
CA ILE A 62 8.32 -7.49 0.02
C ILE A 62 9.30 -8.05 1.04
#